data_5IWD
#
_entry.id   5IWD
#
_cell.length_a   91.801
_cell.length_b   127.041
_cell.length_c   66.003
_cell.angle_alpha   90.00
_cell.angle_beta   90.00
_cell.angle_gamma   90.00
#
_symmetry.space_group_name_H-M   'C 2 2 21'
#
loop_
_entity.id
_entity.type
_entity.pdbx_description
1 polymer 'DNA polymerase processivity factor'
2 non-polymer 5-methylidene-3-(methylsulfanyl)-2-benzothiophen-4(5H)-one
3 water water
#
_entity_poly.entity_id   1
_entity_poly.type   'polypeptide(L)'
_entity_poly.pdbx_seq_one_letter_code
;MDRKDRLSEPPTLALRLKPYKTAIQQLRSVIRALKENTTVTFLPTPSLILQTVRSHCVSKITFNSSCLYITDKSFQPKTI
NNSTPLLGNFMYLTSSKDLTKFYVQDISDLSAKISMCAPDFNMEFSSACVHGQDIVRESENSAVHVDLDFGVVADLLKWI
GPHTRVKRNVKKAPCPTGTVQILVHAGPPAIKFILTNGSELEFTSNNRVSFHGVKNMRINVQLKNFYQTLLNCAVTKLPC
TLRIVTEHDTLLYVASRNGLFAVENFLTEEPFQRGDPFDKNYVGNSGKSR
;
_entity_poly.pdbx_strand_id   A
#
# COMPACT_ATOMS: atom_id res chain seq x y z
N ARG A 3 -6.51 -40.84 -9.92
CA ARG A 3 -5.42 -41.77 -9.65
C ARG A 3 -5.74 -42.65 -8.46
N LYS A 4 -4.86 -43.59 -8.15
CA LYS A 4 -5.16 -44.59 -7.12
C LYS A 4 -4.25 -44.58 -5.90
N ASP A 5 -3.15 -43.85 -5.99
CA ASP A 5 -2.21 -43.77 -4.88
C ASP A 5 -2.70 -42.80 -3.81
N ARG A 6 -1.81 -41.91 -3.37
CA ARG A 6 -2.14 -40.92 -2.37
C ARG A 6 -2.56 -39.61 -3.04
N LEU A 7 -3.42 -38.87 -2.34
CA LEU A 7 -3.99 -37.65 -2.89
C LEU A 7 -2.91 -36.61 -3.17
N SER A 8 -3.23 -35.66 -4.04
CA SER A 8 -2.37 -34.52 -4.33
C SER A 8 -3.12 -33.42 -5.07
N GLU A 9 -3.17 -32.22 -4.49
CA GLU A 9 -3.77 -31.02 -5.06
C GLU A 9 -2.72 -29.93 -5.13
N PRO A 10 -2.71 -29.11 -6.19
CA PRO A 10 -1.66 -28.10 -6.34
C PRO A 10 -1.77 -27.06 -5.25
N PRO A 11 -0.65 -26.47 -4.83
CA PRO A 11 -0.70 -25.45 -3.78
C PRO A 11 -1.71 -24.37 -4.14
N THR A 12 -2.51 -23.99 -3.14
CA THR A 12 -3.66 -23.13 -3.37
C THR A 12 -3.63 -22.01 -2.34
N LEU A 13 -3.68 -20.78 -2.82
CA LEU A 13 -3.83 -19.60 -1.97
C LEU A 13 -5.26 -19.10 -2.10
N ALA A 14 -6.03 -19.25 -1.03
CA ALA A 14 -7.44 -18.91 -1.07
C ALA A 14 -7.70 -17.65 -0.26
N LEU A 15 -8.66 -16.88 -0.74
CA LEU A 15 -9.16 -15.73 0.00
C LEU A 15 -10.24 -16.23 0.95
N ARG A 16 -10.18 -15.78 2.20
CA ARG A 16 -11.30 -15.97 3.13
C ARG A 16 -12.29 -14.84 2.88
N LEU A 17 -13.49 -15.19 2.44
CA LEU A 17 -14.38 -14.19 1.84
C LEU A 17 -14.78 -13.09 2.81
N LYS A 18 -15.29 -13.48 3.98
CA LYS A 18 -15.82 -12.47 4.90
C LYS A 18 -14.78 -11.40 5.23
N PRO A 19 -13.57 -11.74 5.70
CA PRO A 19 -12.57 -10.67 5.89
C PRO A 19 -12.18 -10.00 4.58
N TYR A 20 -11.92 -10.80 3.53
CA TYR A 20 -11.50 -10.20 2.27
C TYR A 20 -12.56 -9.29 1.69
N LYS A 21 -13.83 -9.73 1.68
CA LYS A 21 -14.89 -8.90 1.14
C LYS A 21 -15.05 -7.62 1.94
N THR A 22 -14.85 -7.70 3.26
CA THR A 22 -14.91 -6.50 4.10
C THR A 22 -13.79 -5.54 3.74
N ALA A 23 -12.58 -6.06 3.50
CA ALA A 23 -11.45 -5.19 3.18
C ALA A 23 -11.57 -4.60 1.78
N ILE A 24 -12.09 -5.36 0.82
CA ILE A 24 -12.11 -4.88 -0.57
C ILE A 24 -13.21 -3.82 -0.74
N GLN A 25 -14.29 -3.91 0.07
CA GLN A 25 -15.30 -2.84 0.06
C GLN A 25 -14.74 -1.56 0.68
N GLN A 26 -14.13 -1.67 1.86
CA GLN A 26 -13.47 -0.52 2.48
C GLN A 26 -12.46 0.13 1.53
N LEU A 27 -11.91 -0.65 0.59
CA LEU A 27 -10.86 -0.21 -0.32
C LEU A 27 -11.35 0.05 -1.72
N ARG A 28 -12.65 -0.11 -1.97
CA ARG A 28 -13.17 -0.04 -3.34
C ARG A 28 -12.91 1.31 -3.99
N SER A 29 -12.69 2.36 -3.20
CA SER A 29 -12.26 3.63 -3.79
C SER A 29 -10.88 3.47 -4.42
N VAL A 30 -9.92 2.98 -3.65
CA VAL A 30 -8.54 2.87 -4.12
C VAL A 30 -8.44 1.89 -5.29
N ILE A 31 -9.23 0.81 -5.26
CA ILE A 31 -9.06 -0.30 -6.19
C ILE A 31 -9.40 0.13 -7.62
N ARG A 32 -10.53 0.81 -7.80
CA ARG A 32 -10.93 1.19 -9.16
C ARG A 32 -9.94 2.17 -9.77
N ALA A 33 -9.35 3.03 -8.94
CA ALA A 33 -8.39 4.02 -9.39
C ALA A 33 -7.00 3.45 -9.67
N LEU A 34 -6.79 2.14 -9.49
CA LEU A 34 -5.46 1.57 -9.64
C LEU A 34 -4.93 1.82 -11.05
N LYS A 35 -3.67 2.25 -11.12
CA LYS A 35 -3.06 2.65 -12.37
C LYS A 35 -2.77 1.43 -13.24
N GLU A 36 -2.73 1.67 -14.56
CA GLU A 36 -2.52 0.64 -15.56
C GLU A 36 -1.33 -0.28 -15.30
N ASN A 37 -0.35 0.13 -14.51
CA ASN A 37 0.84 -0.68 -14.32
C ASN A 37 0.85 -1.34 -12.95
N THR A 38 -0.31 -1.48 -12.31
CA THR A 38 -0.36 -2.01 -10.95
C THR A 38 -0.16 -3.53 -10.92
N THR A 39 0.61 -3.97 -9.93
CA THR A 39 1.05 -5.35 -9.77
C THR A 39 0.33 -6.05 -8.63
N VAL A 40 0.06 -7.35 -8.79
CA VAL A 40 -0.53 -8.15 -7.71
C VAL A 40 0.43 -9.28 -7.38
N THR A 41 0.76 -9.44 -6.10
CA THR A 41 1.70 -10.45 -5.68
C THR A 41 1.06 -11.39 -4.65
N PHE A 42 1.25 -12.69 -4.87
CA PHE A 42 0.72 -13.75 -4.01
C PHE A 42 1.90 -14.47 -3.38
N LEU A 43 1.90 -14.52 -2.05
CA LEU A 43 3.01 -15.08 -1.31
C LEU A 43 2.54 -16.24 -0.44
N PRO A 44 3.38 -17.26 -0.24
CA PRO A 44 3.02 -18.37 0.66
C PRO A 44 3.03 -17.99 2.12
N THR A 45 3.37 -16.75 2.45
CA THR A 45 3.48 -16.27 3.83
C THR A 45 2.33 -16.73 4.74
N PRO A 46 1.04 -16.49 4.36
CA PRO A 46 0.43 -15.92 3.14
C PRO A 46 0.30 -14.42 3.14
N SER A 47 0.31 -13.87 1.94
CA SER A 47 0.11 -12.44 1.80
C SER A 47 -0.39 -12.17 0.40
N LEU A 48 -1.00 -10.99 0.25
CA LEU A 48 -1.38 -10.47 -1.06
C LEU A 48 -1.08 -8.98 -1.06
N ILE A 49 -0.32 -8.56 -2.06
CA ILE A 49 0.29 -7.25 -2.13
C ILE A 49 -0.10 -6.63 -3.46
N LEU A 50 -0.63 -5.41 -3.41
CA LEU A 50 -0.84 -4.59 -4.60
C LEU A 50 0.24 -3.53 -4.58
N GLN A 51 1.00 -3.41 -5.66
CA GLN A 51 2.08 -2.42 -5.70
C GLN A 51 1.92 -1.54 -6.94
N THR A 52 2.10 -0.24 -6.76
CA THR A 52 2.08 0.71 -7.87
C THR A 52 3.36 1.54 -7.80
N VAL A 53 4.15 1.48 -8.85
CA VAL A 53 5.41 2.20 -8.96
C VAL A 53 5.16 3.45 -9.80
N ARG A 54 5.38 4.62 -9.22
CA ARG A 54 5.21 5.87 -9.95
C ARG A 54 6.56 6.58 -10.03
N SER A 55 6.52 7.73 -10.69
CA SER A 55 7.61 8.71 -10.76
C SER A 55 8.48 8.70 -9.49
N HIS A 56 7.98 9.34 -8.44
CA HIS A 56 8.74 9.46 -7.20
C HIS A 56 7.97 8.86 -6.03
N CYS A 57 7.06 7.94 -6.31
CA CYS A 57 6.16 7.37 -5.32
C CYS A 57 5.94 5.88 -5.63
N VAL A 58 6.11 5.04 -4.62
CA VAL A 58 5.73 3.64 -4.69
C VAL A 58 4.67 3.44 -3.63
N SER A 59 3.52 2.92 -4.05
CA SER A 59 2.40 2.74 -3.14
C SER A 59 2.14 1.26 -2.99
N LYS A 60 1.87 0.82 -1.78
CA LYS A 60 1.65 -0.61 -1.62
C LYS A 60 0.51 -0.97 -0.70
N ILE A 61 -0.30 -1.92 -1.13
CA ILE A 61 -1.41 -2.40 -0.31
C ILE A 61 -1.24 -3.88 0.04
N THR A 62 -0.94 -4.19 1.30
CA THR A 62 -0.70 -5.55 1.75
C THR A 62 -1.90 -6.07 2.55
N PHE A 63 -2.53 -7.16 2.06
CA PHE A 63 -3.56 -7.86 2.82
C PHE A 63 -2.88 -8.84 3.77
N ASN A 64 -3.35 -8.91 5.00
CA ASN A 64 -2.64 -9.80 5.92
C ASN A 64 -3.37 -11.14 6.06
N SER A 65 -2.78 -12.01 6.88
CA SER A 65 -3.14 -13.43 6.92
C SER A 65 -4.62 -13.65 7.18
N SER A 66 -5.26 -12.76 7.95
CA SER A 66 -6.67 -12.91 8.25
C SER A 66 -7.53 -13.02 6.99
N CYS A 67 -7.05 -12.54 5.84
CA CYS A 67 -7.77 -12.66 4.57
C CYS A 67 -7.45 -13.93 3.81
N LEU A 68 -6.31 -14.58 4.10
CA LEU A 68 -5.74 -15.65 3.29
C LEU A 68 -5.74 -16.99 4.01
N TYR A 69 -5.91 -18.06 3.23
CA TYR A 69 -5.70 -19.43 3.66
C TYR A 69 -4.78 -20.05 2.61
N ILE A 70 -3.72 -20.71 3.04
CA ILE A 70 -2.81 -21.40 2.12
C ILE A 70 -2.80 -22.88 2.47
N THR A 71 -3.10 -23.72 1.48
CA THR A 71 -3.08 -25.15 1.72
C THR A 71 -1.67 -25.63 2.00
N ASP A 72 -0.72 -25.16 1.19
CA ASP A 72 0.60 -25.77 1.12
C ASP A 72 1.63 -24.67 0.85
N LYS A 73 2.59 -24.54 1.77
CA LYS A 73 3.57 -23.46 1.73
C LYS A 73 4.63 -23.66 0.67
N SER A 74 4.60 -24.76 -0.09
CA SER A 74 5.46 -24.80 -1.27
C SER A 74 4.91 -23.97 -2.42
N PHE A 75 3.74 -23.34 -2.23
CA PHE A 75 3.21 -22.36 -3.17
C PHE A 75 4.30 -21.37 -3.57
N GLN A 76 4.59 -21.29 -4.86
CA GLN A 76 5.64 -20.38 -5.29
C GLN A 76 5.11 -18.95 -5.41
N PRO A 77 5.93 -17.96 -5.08
CA PRO A 77 5.52 -16.56 -5.22
C PRO A 77 5.14 -16.22 -6.65
N LYS A 78 4.06 -15.44 -6.80
CA LYS A 78 3.60 -15.03 -8.12
C LYS A 78 3.27 -13.56 -8.06
N THR A 79 3.81 -12.80 -9.00
CA THR A 79 3.38 -11.43 -9.22
C THR A 79 2.87 -11.33 -10.65
N ILE A 80 1.62 -10.88 -10.80
CA ILE A 80 1.02 -10.61 -12.12
C ILE A 80 0.62 -9.14 -12.24
N ASN A 81 0.33 -8.74 -13.48
CA ASN A 81 -0.27 -7.42 -13.74
C ASN A 81 -1.72 -7.38 -13.30
N ASN A 82 -2.11 -6.33 -12.58
CA ASN A 82 -3.52 -6.17 -12.27
C ASN A 82 -4.32 -5.88 -13.53
N SER A 83 -3.74 -5.11 -14.44
CA SER A 83 -4.42 -4.82 -15.70
C SER A 83 -4.38 -6.07 -16.58
N THR A 84 -5.55 -6.61 -16.89
CA THR A 84 -5.62 -7.94 -17.46
C THR A 84 -6.19 -7.88 -18.87
N PRO A 85 -5.61 -8.62 -19.82
CA PRO A 85 -5.94 -8.42 -21.24
C PRO A 85 -7.41 -8.32 -21.60
N LEU A 86 -8.32 -9.10 -21.03
CA LEU A 86 -9.73 -8.91 -21.40
C LEU A 86 -10.58 -8.38 -20.26
N LEU A 87 -10.15 -8.61 -19.02
CA LEU A 87 -10.91 -8.26 -17.82
C LEU A 87 -10.63 -6.85 -17.33
N GLY A 88 -9.54 -6.22 -17.77
CA GLY A 88 -9.16 -4.96 -17.18
C GLY A 88 -8.73 -5.12 -15.74
N ASN A 89 -9.31 -4.31 -14.85
CA ASN A 89 -8.89 -4.22 -13.45
C ASN A 89 -9.26 -5.51 -12.71
N PHE A 90 -8.26 -6.35 -12.51
CA PHE A 90 -8.51 -7.65 -11.88
C PHE A 90 -8.98 -7.50 -10.44
N MET A 91 -8.20 -6.77 -9.61
CA MET A 91 -8.65 -6.57 -8.24
C MET A 91 -10.04 -5.95 -8.18
N TYR A 92 -10.41 -5.11 -9.14
CA TYR A 92 -11.79 -4.58 -9.13
C TYR A 92 -12.80 -5.69 -9.30
N LEU A 93 -12.54 -6.60 -10.25
CA LEU A 93 -13.38 -7.76 -10.46
C LEU A 93 -13.66 -8.52 -9.15
N THR A 94 -12.65 -8.61 -8.26
CA THR A 94 -12.79 -9.36 -7.01
C THR A 94 -13.63 -8.62 -5.98
N SER A 95 -13.96 -7.37 -6.22
CA SER A 95 -14.76 -6.62 -5.27
C SER A 95 -16.22 -6.71 -5.61
N SER A 96 -16.58 -7.58 -6.54
CA SER A 96 -17.98 -7.83 -6.82
C SER A 96 -18.66 -8.41 -5.60
N LYS A 97 -19.95 -8.07 -5.46
CA LYS A 97 -20.72 -8.42 -4.28
C LYS A 97 -21.15 -9.87 -4.27
N ASP A 98 -21.32 -10.49 -5.44
CA ASP A 98 -21.73 -11.88 -5.48
C ASP A 98 -20.54 -12.83 -5.68
N LEU A 99 -19.35 -12.42 -5.27
CA LEU A 99 -18.19 -13.31 -5.28
C LEU A 99 -18.33 -14.35 -4.19
N THR A 100 -18.12 -15.62 -4.55
CA THR A 100 -18.26 -16.70 -3.56
C THR A 100 -17.01 -17.51 -3.34
N LYS A 101 -16.09 -17.52 -4.29
CA LYS A 101 -14.83 -18.22 -4.13
C LYS A 101 -13.78 -17.43 -4.90
N PHE A 102 -12.58 -17.37 -4.34
CA PHE A 102 -11.48 -16.64 -4.95
C PHE A 102 -10.20 -17.30 -4.47
N TYR A 103 -9.55 -18.07 -5.35
CA TYR A 103 -8.29 -18.70 -4.97
C TYR A 103 -7.32 -18.65 -6.15
N VAL A 104 -6.04 -18.85 -5.84
CA VAL A 104 -4.94 -18.81 -6.79
C VAL A 104 -4.15 -20.10 -6.62
N GLN A 105 -3.78 -20.72 -7.73
CA GLN A 105 -3.10 -22.01 -7.69
C GLN A 105 -1.75 -21.91 -8.35
N ASP A 106 -0.79 -22.66 -7.80
CA ASP A 106 0.56 -22.76 -8.37
C ASP A 106 0.59 -24.04 -9.18
N ILE A 107 0.29 -23.91 -10.47
CA ILE A 107 0.29 -25.03 -11.39
C ILE A 107 1.45 -24.96 -12.38
N SER A 108 1.90 -23.76 -12.72
CA SER A 108 3.05 -23.54 -13.59
C SER A 108 3.95 -22.54 -12.91
N ASP A 109 5.26 -22.70 -13.10
CA ASP A 109 6.20 -21.68 -12.65
C ASP A 109 6.14 -20.44 -13.51
N LEU A 110 5.47 -20.49 -14.66
CA LEU A 110 5.44 -19.41 -15.61
C LEU A 110 4.21 -18.51 -15.46
N SER A 111 3.15 -19.02 -14.84
CA SER A 111 1.88 -18.31 -14.80
C SER A 111 1.20 -18.55 -13.45
N ALA A 112 0.01 -18.00 -13.29
CA ALA A 112 -0.79 -18.12 -12.08
C ALA A 112 -2.21 -18.39 -12.49
N LYS A 113 -2.83 -19.40 -11.89
CA LYS A 113 -4.19 -19.75 -12.24
C LYS A 113 -5.16 -19.18 -11.21
N ILE A 114 -5.94 -18.18 -11.63
CA ILE A 114 -6.92 -17.52 -10.78
C ILE A 114 -8.26 -18.17 -11.01
N SER A 115 -8.89 -18.62 -9.93
CA SER A 115 -10.25 -19.12 -9.99
C SER A 115 -11.14 -18.22 -9.17
N MET A 116 -12.32 -17.90 -9.71
CA MET A 116 -13.30 -17.09 -9.03
C MET A 116 -14.67 -17.72 -9.24
N CYS A 117 -15.51 -17.65 -8.22
CA CYS A 117 -16.86 -18.15 -8.35
C CYS A 117 -17.88 -17.14 -7.89
N ALA A 118 -19.08 -17.33 -8.41
CA ALA A 118 -20.29 -16.59 -8.10
C ALA A 118 -21.44 -17.58 -8.19
N PRO A 119 -22.60 -17.29 -7.53
CA PRO A 119 -23.70 -18.26 -7.41
C PRO A 119 -23.71 -19.47 -8.33
N ASP A 120 -24.04 -19.27 -9.60
CA ASP A 120 -24.14 -20.39 -10.53
C ASP A 120 -23.19 -20.18 -11.71
N PHE A 121 -21.98 -19.76 -11.40
CA PHE A 121 -21.02 -19.35 -12.40
C PHE A 121 -19.62 -19.56 -11.85
N ASN A 122 -18.68 -19.91 -12.74
CA ASN A 122 -17.29 -20.01 -12.32
C ASN A 122 -16.37 -19.76 -13.50
N MET A 123 -15.21 -19.20 -13.19
CA MET A 123 -14.29 -18.82 -14.23
C MET A 123 -12.88 -19.02 -13.71
N GLU A 124 -11.97 -19.18 -14.65
CA GLU A 124 -10.58 -19.19 -14.28
C GLU A 124 -9.82 -18.53 -15.40
N PHE A 125 -8.64 -18.03 -15.07
CA PHE A 125 -7.75 -17.54 -16.08
C PHE A 125 -6.34 -17.70 -15.55
N SER A 126 -5.38 -17.69 -16.45
CA SER A 126 -3.98 -17.59 -16.04
C SER A 126 -3.35 -16.36 -16.67
N SER A 127 -2.55 -15.67 -15.89
CA SER A 127 -1.78 -14.53 -16.34
C SER A 127 -0.30 -14.87 -16.24
N ALA A 128 0.50 -14.31 -17.14
CA ALA A 128 1.92 -14.57 -17.10
C ALA A 128 2.52 -13.89 -15.88
N CYS A 129 3.44 -14.58 -15.22
CA CYS A 129 4.15 -13.99 -14.09
C CYS A 129 5.13 -12.95 -14.60
N VAL A 130 5.08 -11.77 -14.01
CA VAL A 130 5.91 -10.68 -14.41
C VAL A 130 7.05 -10.55 -13.41
N HIS A 131 8.05 -9.73 -13.73
CA HIS A 131 9.24 -9.65 -12.92
C HIS A 131 9.62 -8.19 -12.62
N GLY A 132 10.15 -7.97 -11.42
CA GLY A 132 10.37 -9.08 -10.50
C GLY A 132 11.84 -9.43 -10.42
N GLN A 133 12.34 -9.49 -9.19
CA GLN A 133 11.48 -9.32 -8.03
C GLN A 133 11.45 -7.87 -7.55
N ASP A 134 10.26 -7.27 -7.64
CA ASP A 134 10.06 -5.87 -7.36
C ASP A 134 10.09 -5.59 -5.86
N ILE A 135 11.16 -6.02 -5.19
CA ILE A 135 11.29 -5.84 -3.74
C ILE A 135 11.52 -4.36 -3.44
N VAL A 136 10.57 -3.76 -2.73
CA VAL A 136 10.71 -2.39 -2.23
C VAL A 136 10.01 -2.31 -0.88
N ARG A 137 10.76 -2.49 0.21
CA ARG A 137 10.15 -2.65 1.53
C ARG A 137 10.82 -1.74 2.57
N GLU A 138 10.11 -1.61 3.70
CA GLU A 138 10.47 -0.74 4.81
C GLU A 138 11.33 -1.46 5.86
N SER A 139 12.15 -2.42 5.44
CA SER A 139 12.97 -3.14 6.41
C SER A 139 14.09 -2.26 6.96
N GLU A 140 13.96 -0.94 6.82
CA GLU A 140 14.90 0.02 7.36
C GLU A 140 14.19 0.93 8.35
N ASN A 141 14.85 1.20 9.47
CA ASN A 141 14.23 1.94 10.55
C ASN A 141 14.32 3.44 10.31
N SER A 142 13.41 4.16 10.96
CA SER A 142 13.25 5.59 10.74
C SER A 142 14.31 6.38 11.48
N ALA A 143 14.65 7.53 10.92
CA ALA A 143 15.46 8.53 11.61
C ALA A 143 14.59 9.54 12.32
N VAL A 144 13.46 9.89 11.72
CA VAL A 144 12.35 10.54 12.42
C VAL A 144 11.12 9.67 12.20
N HIS A 145 10.37 9.46 13.28
CA HIS A 145 9.16 8.63 13.25
C HIS A 145 8.08 9.38 14.04
N VAL A 146 6.94 9.65 13.38
CA VAL A 146 5.82 10.34 13.99
C VAL A 146 4.54 9.58 13.68
N ASP A 147 3.76 9.27 14.71
CA ASP A 147 2.43 8.70 14.57
C ASP A 147 1.38 9.80 14.72
N LEU A 148 0.44 9.86 13.80
CA LEU A 148 -0.61 10.87 13.80
C LEU A 148 -1.95 10.20 14.02
N ASP A 149 -2.62 10.60 15.09
CA ASP A 149 -4.05 10.37 15.22
C ASP A 149 -4.76 10.65 13.91
N PHE A 150 -5.85 9.93 13.67
CA PHE A 150 -6.57 10.09 12.42
C PHE A 150 -7.18 11.49 12.30
N GLY A 151 -7.67 12.03 13.41
CA GLY A 151 -8.13 13.41 13.41
C GLY A 151 -7.10 14.35 12.81
N VAL A 152 -5.80 14.07 13.06
CA VAL A 152 -4.73 14.86 12.47
C VAL A 152 -4.62 14.60 10.97
N VAL A 153 -4.75 13.34 10.55
CA VAL A 153 -4.71 13.04 9.12
C VAL A 153 -5.78 13.85 8.38
N ALA A 154 -6.98 13.92 8.96
CA ALA A 154 -8.06 14.66 8.28
C ALA A 154 -7.79 16.16 8.26
N ASP A 155 -7.31 16.73 9.37
CA ASP A 155 -6.89 18.13 9.39
C ASP A 155 -5.88 18.40 8.28
N LEU A 156 -4.86 17.55 8.16
CA LEU A 156 -3.92 17.72 7.06
C LEU A 156 -4.62 17.71 5.72
N LEU A 157 -5.43 16.67 5.45
CA LEU A 157 -6.15 16.59 4.19
C LEU A 157 -6.97 17.84 3.95
N LYS A 158 -7.76 18.23 4.95
CA LYS A 158 -8.62 19.39 4.82
C LYS A 158 -7.81 20.64 4.53
N TRP A 159 -6.61 20.74 5.13
CA TRP A 159 -5.77 21.94 4.94
C TRP A 159 -5.07 21.96 3.59
N ILE A 160 -4.72 20.81 3.03
CA ILE A 160 -4.18 20.77 1.67
C ILE A 160 -5.34 20.68 0.67
N GLY A 161 -6.51 21.18 1.07
CA GLY A 161 -7.66 21.31 0.18
C GLY A 161 -7.93 20.16 -0.77
N PRO A 162 -7.77 20.41 -2.09
CA PRO A 162 -7.47 21.76 -2.60
C PRO A 162 -8.74 22.52 -2.94
N PRO A 176 6.49 20.68 -11.88
CA PRO A 176 5.46 20.01 -11.06
C PRO A 176 4.32 20.96 -10.68
N THR A 177 3.22 20.41 -10.15
CA THR A 177 2.11 21.20 -9.65
C THR A 177 2.29 21.56 -8.18
N GLY A 178 3.53 21.62 -7.70
CA GLY A 178 3.80 22.09 -6.37
C GLY A 178 4.56 21.09 -5.52
N THR A 179 5.19 21.58 -4.45
CA THR A 179 5.79 20.74 -3.43
C THR A 179 5.37 21.24 -2.05
N VAL A 180 5.41 20.33 -1.09
CA VAL A 180 5.21 20.65 0.33
C VAL A 180 6.50 20.34 1.05
N GLN A 181 6.95 21.26 1.88
CA GLN A 181 8.10 21.01 2.74
C GLN A 181 7.62 20.47 4.07
N ILE A 182 8.39 19.57 4.64
CA ILE A 182 8.08 18.98 5.93
C ILE A 182 9.26 19.24 6.83
N LEU A 183 9.02 19.99 7.92
CA LEU A 183 10.05 20.38 8.87
C LEU A 183 9.78 19.70 10.22
N VAL A 184 10.82 19.10 10.78
CA VAL A 184 10.74 18.41 12.07
C VAL A 184 11.75 19.06 13.02
N HIS A 185 11.27 19.53 14.17
CA HIS A 185 12.10 20.09 15.24
CA HIS A 185 12.17 20.05 15.19
C HIS A 185 12.35 19.01 16.30
N ALA A 186 13.46 19.12 17.02
CA ALA A 186 13.78 18.12 18.04
C ALA A 186 13.69 18.61 19.48
N GLY A 187 14.10 19.83 19.78
CA GLY A 187 14.03 20.30 21.14
C GLY A 187 13.31 21.62 21.31
N PRO A 188 12.00 21.58 21.58
CA PRO A 188 11.14 20.41 21.77
C PRO A 188 10.75 19.81 20.41
N PRO A 189 10.01 18.69 20.39
CA PRO A 189 9.62 18.10 19.12
C PRO A 189 8.37 18.75 18.52
N ALA A 190 8.41 18.97 17.21
CA ALA A 190 7.29 19.50 16.46
C ALA A 190 7.45 19.11 15.01
N ILE A 191 6.36 19.18 14.27
CA ILE A 191 6.42 18.84 12.87
C ILE A 191 5.65 19.89 12.12
N LYS A 192 6.27 20.41 11.07
CA LYS A 192 5.70 21.56 10.34
C LYS A 192 5.50 21.27 8.88
N PHE A 193 4.30 21.51 8.38
CA PHE A 193 3.99 21.34 6.96
C PHE A 193 3.90 22.69 6.26
N ILE A 194 4.80 22.93 5.32
CA ILE A 194 5.03 24.27 4.79
C ILE A 194 4.67 24.28 3.30
N LEU A 195 3.60 25.00 2.97
CA LEU A 195 3.23 25.12 1.56
C LEU A 195 4.02 26.24 0.89
N THR A 196 4.04 26.20 -0.44
CA THR A 196 4.79 27.18 -1.21
C THR A 196 4.21 28.59 -1.06
N ASN A 197 2.96 28.73 -0.62
CA ASN A 197 2.28 30.01 -0.53
C ASN A 197 2.48 30.74 0.78
N GLY A 198 3.39 30.27 1.63
CA GLY A 198 3.61 30.91 2.91
C GLY A 198 2.65 30.54 4.03
N SER A 199 1.86 29.48 3.88
CA SER A 199 1.07 28.96 4.99
C SER A 199 1.69 27.66 5.50
N GLU A 200 1.92 27.61 6.81
CA GLU A 200 2.52 26.47 7.48
C GLU A 200 1.51 25.87 8.44
N LEU A 201 1.46 24.54 8.52
CA LEU A 201 0.61 23.86 9.48
C LEU A 201 1.50 23.07 10.43
N GLU A 202 1.32 23.30 11.72
CA GLU A 202 2.24 22.78 12.73
C GLU A 202 1.51 21.92 13.74
N PHE A 203 2.24 20.93 14.27
CA PHE A 203 1.76 20.04 15.30
C PHE A 203 2.88 19.89 16.30
N THR A 204 2.58 20.20 17.55
CA THR A 204 3.47 20.00 18.68
C THR A 204 2.95 18.86 19.55
N SER A 205 3.71 18.53 20.59
CA SER A 205 3.40 17.36 21.40
C SER A 205 2.04 17.51 22.07
N ASN A 206 1.20 16.51 21.88
CA ASN A 206 -0.12 16.45 22.49
C ASN A 206 -0.66 15.05 22.25
N ASN A 207 -1.80 14.75 22.85
CA ASN A 207 -2.40 13.43 22.84
C ASN A 207 -2.65 12.86 21.45
N ARG A 208 -2.46 13.65 20.38
CA ARG A 208 -2.86 13.22 19.05
C ARG A 208 -1.70 13.01 18.08
N VAL A 209 -0.50 13.47 18.42
CA VAL A 209 0.68 13.20 17.61
C VAL A 209 1.80 12.74 18.54
N SER A 210 2.34 11.56 18.28
CA SER A 210 3.38 10.96 19.11
C SER A 210 4.69 10.94 18.34
N PHE A 211 5.68 11.69 18.84
CA PHE A 211 7.03 11.70 18.25
C PHE A 211 7.88 10.64 18.96
N HIS A 212 8.12 9.51 18.28
CA HIS A 212 8.92 8.44 18.87
C HIS A 212 10.41 8.69 18.70
N GLY A 213 10.86 8.86 17.46
CA GLY A 213 12.21 9.29 17.18
C GLY A 213 12.16 10.52 16.28
N VAL A 214 13.12 11.42 16.47
CA VAL A 214 13.01 12.75 15.88
C VAL A 214 14.38 13.41 15.84
N LYS A 215 14.64 14.16 14.77
CA LYS A 215 15.80 15.02 14.69
C LYS A 215 15.48 16.23 13.82
N ASN A 216 16.28 17.28 13.97
CA ASN A 216 16.07 18.53 13.25
C ASN A 216 16.41 18.32 11.78
N MET A 217 15.40 18.13 10.93
CA MET A 217 15.66 17.95 9.50
C MET A 217 14.44 18.36 8.69
N ARG A 218 14.65 18.48 7.39
CA ARG A 218 13.61 18.85 6.42
C ARG A 218 13.82 18.12 5.10
N ILE A 219 12.72 17.66 4.51
CA ILE A 219 12.73 17.18 3.13
C ILE A 219 11.59 17.86 2.38
N ASN A 220 11.60 17.70 1.07
CA ASN A 220 10.62 18.30 0.19
C ASN A 220 10.03 17.21 -0.69
N VAL A 221 8.70 17.09 -0.75
CA VAL A 221 8.10 16.08 -1.59
C VAL A 221 7.07 16.76 -2.48
N GLN A 222 6.68 16.04 -3.52
CA GLN A 222 5.67 16.55 -4.44
C GLN A 222 4.33 16.60 -3.74
N LEU A 223 3.60 17.70 -3.94
CA LEU A 223 2.35 17.89 -3.21
C LEU A 223 1.28 16.92 -3.68
N LYS A 224 1.16 16.72 -4.99
CA LYS A 224 0.17 15.77 -5.52
C LYS A 224 0.30 14.41 -4.85
N ASN A 225 1.51 13.84 -4.86
CA ASN A 225 1.69 12.50 -4.33
C ASN A 225 1.41 12.46 -2.82
N PHE A 226 1.96 13.44 -2.07
CA PHE A 226 1.74 13.44 -0.63
C PHE A 226 0.25 13.49 -0.31
N TYR A 227 -0.51 14.26 -1.08
CA TYR A 227 -1.94 14.35 -0.83
C TYR A 227 -2.61 13.02 -1.13
N GLN A 228 -2.26 12.44 -2.28
CA GLN A 228 -2.76 11.12 -2.66
C GLN A 228 -2.41 10.11 -1.57
N THR A 229 -1.13 10.03 -1.23
CA THR A 229 -0.65 9.24 -0.12
C THR A 229 -1.54 9.40 1.12
N LEU A 230 -1.87 10.65 1.50
CA LEU A 230 -2.66 10.84 2.72
C LEU A 230 -4.08 10.31 2.52
N LEU A 231 -4.68 10.55 1.36
CA LEU A 231 -5.99 9.98 1.06
C LEU A 231 -5.97 8.48 1.24
N ASN A 232 -4.90 7.83 0.77
CA ASN A 232 -4.86 6.37 0.80
C ASN A 232 -4.80 5.83 2.21
N CYS A 233 -4.02 6.48 3.08
CA CYS A 233 -3.97 6.01 4.46
C CYS A 233 -5.29 6.26 5.17
N ALA A 234 -6.05 7.25 4.73
CA ALA A 234 -7.21 7.67 5.50
C ALA A 234 -8.37 6.69 5.41
N VAL A 235 -8.36 5.76 4.43
CA VAL A 235 -9.39 4.73 4.34
C VAL A 235 -9.50 3.95 5.64
N THR A 236 -8.43 3.90 6.44
CA THR A 236 -8.46 3.12 7.66
C THR A 236 -9.18 3.86 8.78
N LYS A 237 -9.34 5.17 8.65
CA LYS A 237 -9.84 6.00 9.75
C LYS A 237 -9.12 5.66 11.05
N LEU A 238 -7.86 5.26 10.95
CA LEU A 238 -7.05 4.90 12.11
C LEU A 238 -5.79 5.77 12.09
N PRO A 239 -4.94 5.72 13.11
CA PRO A 239 -3.72 6.54 13.08
C PRO A 239 -2.88 6.25 11.85
N CYS A 240 -1.87 7.10 11.69
CA CYS A 240 -1.08 7.08 10.48
C CYS A 240 0.37 7.30 10.88
N THR A 241 1.27 6.57 10.22
CA THR A 241 2.67 6.54 10.58
C THR A 241 3.45 7.36 9.57
N LEU A 242 4.26 8.28 10.06
CA LEU A 242 5.05 9.17 9.23
C LEU A 242 6.50 8.91 9.59
N ARG A 243 7.30 8.49 8.60
CA ARG A 243 8.72 8.25 8.83
C ARG A 243 9.54 8.94 7.74
N ILE A 244 10.72 9.41 8.12
CA ILE A 244 11.69 9.96 7.17
C ILE A 244 12.91 9.07 7.24
N VAL A 245 12.98 8.08 6.36
CA VAL A 245 14.11 7.17 6.35
C VAL A 245 15.30 7.86 5.70
N THR A 246 16.46 7.72 6.33
CA THR A 246 17.68 8.34 5.85
C THR A 246 18.70 7.31 5.37
N GLU A 247 18.21 6.16 4.90
CA GLU A 247 19.02 5.04 4.41
C GLU A 247 20.06 5.51 3.41
N HIS A 248 19.67 5.60 2.14
CA HIS A 248 20.49 6.23 1.12
C HIS A 248 19.64 7.30 0.44
N ASP A 249 18.73 6.87 -0.42
CA ASP A 249 17.71 7.77 -0.96
C ASP A 249 16.96 8.41 0.18
N THR A 250 16.96 9.74 0.23
CA THR A 250 16.12 10.45 1.19
C THR A 250 14.67 10.07 0.94
N LEU A 251 14.02 9.53 1.97
CA LEU A 251 12.73 8.87 1.81
C LEU A 251 11.72 9.37 2.83
N LEU A 252 10.47 9.50 2.40
CA LEU A 252 9.32 9.77 3.26
C LEU A 252 8.36 8.59 3.19
N TYR A 253 8.06 8.02 4.36
CA TYR A 253 7.20 6.86 4.49
C TYR A 253 5.92 7.29 5.19
N VAL A 254 4.78 7.03 4.55
CA VAL A 254 3.48 7.28 5.17
C VAL A 254 2.65 6.02 5.04
N ALA A 255 2.08 5.58 6.16
CA ALA A 255 1.40 4.29 6.21
C ALA A 255 0.30 4.35 7.23
N SER A 256 -0.70 3.50 7.02
CA SER A 256 -1.75 3.25 8.00
C SER A 256 -2.27 1.83 7.78
N ARG A 257 -2.69 1.17 8.86
CA ARG A 257 -3.10 -0.23 8.79
C ARG A 257 -4.27 -0.50 9.71
N ASN A 258 -4.97 -1.59 9.41
CA ASN A 258 -5.96 -2.19 10.31
C ASN A 258 -5.72 -3.70 10.31
N GLY A 259 -6.65 -4.44 10.91
CA GLY A 259 -6.49 -5.88 10.99
C GLY A 259 -6.56 -6.58 9.66
N LEU A 260 -7.10 -5.92 8.63
CA LEU A 260 -7.30 -6.55 7.34
C LEU A 260 -6.22 -6.24 6.34
N PHE A 261 -5.60 -5.07 6.41
CA PHE A 261 -4.67 -4.67 5.36
C PHE A 261 -3.84 -3.47 5.82
N ALA A 262 -2.82 -3.17 5.02
CA ALA A 262 -1.86 -2.14 5.36
C ALA A 262 -1.55 -1.33 4.12
N VAL A 263 -1.80 -0.03 4.21
CA VAL A 263 -1.50 0.92 3.14
C VAL A 263 -0.17 1.56 3.47
N GLU A 264 0.81 1.40 2.57
CA GLU A 264 2.15 1.95 2.75
C GLU A 264 2.54 2.77 1.53
N ASN A 265 3.29 3.84 1.75
CA ASN A 265 3.68 4.77 0.69
C ASN A 265 5.11 5.23 0.91
N PHE A 266 5.87 5.22 -0.16
CA PHE A 266 7.29 5.56 -0.15
C PHE A 266 7.48 6.71 -1.13
N LEU A 267 7.78 7.88 -0.60
CA LEU A 267 7.94 9.07 -1.42
C LEU A 267 9.37 9.53 -1.32
N THR A 268 10.02 9.72 -2.47
CA THR A 268 11.36 10.26 -2.48
C THR A 268 11.30 11.78 -2.44
N GLU A 269 12.27 12.37 -1.76
CA GLU A 269 12.44 13.82 -1.77
C GLU A 269 12.70 14.31 -3.19
N GLU A 270 12.13 15.45 -3.54
CA GLU A 270 12.39 16.03 -4.85
C GLU A 270 13.79 16.63 -4.86
N PRO A 271 14.71 16.12 -5.72
CA PRO A 271 16.11 16.58 -5.68
C PRO A 271 16.24 18.09 -5.66
N PHE A 272 16.62 18.61 -4.48
CA PHE A 272 16.63 20.03 -4.19
C PHE A 272 17.92 20.42 -3.49
N GLN A 273 19.03 19.76 -3.82
CA GLN A 273 20.32 19.97 -3.17
C GLN A 273 21.47 19.86 -4.17
N ARG A 274 21.31 20.50 -5.33
CA ARG A 274 22.34 20.53 -6.38
C ARG A 274 22.76 19.14 -6.85
N GLY A 275 22.12 18.67 -7.90
CA GLY A 275 21.11 19.44 -8.60
C GLY A 275 21.22 19.32 -10.11
N ASP A 276 22.18 18.50 -10.56
CA ASP A 276 22.36 18.10 -11.95
C ASP A 276 23.60 17.23 -12.08
#